data_8FRE
#
_entry.id   8FRE
#
_cell.length_a   62.287
_cell.length_b   215.442
_cell.length_c   28.008
_cell.angle_alpha   90.000
_cell.angle_beta   90.000
_cell.angle_gamma   90.000
#
_symmetry.space_group_name_H-M   'P 21 21 2'
#
loop_
_entity.id
_entity.type
_entity.pdbx_description
1 polymer RBL4
2 non-polymer 1,2-ETHANEDIOL
3 water water
#
_entity_poly.entity_id   1
_entity_poly.type   'polypeptide(L)'
_entity_poly.pdbx_seq_one_letter_code
;METPLLELIAIVRQGSEEQQKSALEQLKRLLEAGADPNAADNAGKTPLLLLIEIVRQGSEEQQKAALELLKLLLEAGADP
NAADNAGKTPLLLLIEIVRQGSEEQQKAALELLKLLLEAGADPNAADNAGKTPLLLLIEIVRQGSEEQQKAALELLKLLL
EAGADPNAADNAGQTPQQLLKAIERQGSEEQQKAAKELLKLLEEAGGSWGHHHHHH
;
_entity_poly.pdbx_strand_id   A,B
#
loop_
_chem_comp.id
_chem_comp.type
_chem_comp.name
_chem_comp.formula
EDO non-polymer 1,2-ETHANEDIOL 'C2 H6 O2'
#
# COMPACT_ATOMS: atom_id res chain seq x y z
N MET A 1 -19.27 -28.72 -3.19
CA MET A 1 -19.07 -27.30 -2.87
C MET A 1 -18.05 -26.66 -3.83
N GLU A 2 -18.19 -26.91 -5.13
CA GLU A 2 -17.32 -26.32 -6.13
C GLU A 2 -18.10 -25.27 -6.90
N THR A 3 -17.49 -24.11 -7.11
CA THR A 3 -18.11 -22.99 -7.76
C THR A 3 -17.09 -22.30 -8.66
N PRO A 4 -17.53 -21.49 -9.60
CA PRO A 4 -16.57 -20.69 -10.37
C PRO A 4 -15.73 -19.77 -9.50
N LEU A 5 -16.30 -19.14 -8.45
CA LEU A 5 -15.48 -18.26 -7.62
C LEU A 5 -14.30 -19.01 -7.03
N LEU A 6 -14.56 -20.18 -6.43
CA LEU A 6 -13.52 -20.92 -5.75
C LEU A 6 -12.48 -21.45 -6.72
N GLU A 7 -12.92 -21.95 -7.87
CA GLU A 7 -11.97 -22.44 -8.86
C GLU A 7 -11.06 -21.32 -9.33
N LEU A 8 -11.63 -20.14 -9.52
CA LEU A 8 -10.84 -19.01 -9.99
C LEU A 8 -9.91 -18.49 -8.90
N ILE A 9 -10.33 -18.52 -7.63
CA ILE A 9 -9.41 -18.08 -6.60
C ILE A 9 -8.21 -19.03 -6.57
N ALA A 10 -8.48 -20.33 -6.77
CA ALA A 10 -7.40 -21.30 -6.87
C ALA A 10 -6.42 -20.92 -7.98
N ILE A 11 -6.91 -20.34 -9.09
CA ILE A 11 -5.99 -19.91 -10.17
C ILE A 11 -5.20 -18.67 -9.72
N VAL A 12 -5.83 -17.73 -8.99
CA VAL A 12 -5.04 -16.62 -8.40
C VAL A 12 -3.91 -17.17 -7.53
N ARG A 13 -4.18 -18.25 -6.81
CA ARG A 13 -3.19 -18.76 -5.88
CA ARG A 13 -3.18 -18.78 -5.88
C ARG A 13 -2.04 -19.48 -6.58
N GLN A 14 -2.34 -20.25 -7.65
CA GLN A 14 -1.37 -21.16 -8.24
C GLN A 14 -0.98 -20.87 -9.69
N GLY A 15 -1.60 -19.89 -10.34
CA GLY A 15 -1.36 -19.68 -11.75
C GLY A 15 -0.17 -18.73 -11.99
N SER A 16 0.22 -18.63 -13.26
CA SER A 16 1.25 -17.66 -13.65
C SER A 16 0.74 -16.24 -13.43
N GLU A 17 1.65 -15.26 -13.56
CA GLU A 17 1.22 -13.87 -13.42
C GLU A 17 0.11 -13.53 -14.41
N GLU A 18 0.22 -13.97 -15.68
CA GLU A 18 -0.86 -13.73 -16.65
C GLU A 18 -2.16 -14.42 -16.24
N GLN A 19 -2.07 -15.67 -15.82
CA GLN A 19 -3.26 -16.41 -15.39
C GLN A 19 -3.94 -15.75 -14.21
N GLN A 20 -3.14 -15.24 -13.25
CA GLN A 20 -3.71 -14.53 -12.10
C GLN A 20 -4.49 -13.33 -12.56
N LYS A 21 -3.94 -12.55 -13.49
CA LYS A 21 -4.63 -11.34 -13.94
C LYS A 21 -5.95 -11.69 -14.60
N SER A 22 -5.95 -12.67 -15.49
CA SER A 22 -7.21 -13.04 -16.12
C SER A 22 -8.20 -13.57 -15.09
N ALA A 23 -7.73 -14.41 -14.15
CA ALA A 23 -8.66 -14.92 -13.13
C ALA A 23 -9.27 -13.78 -12.30
N LEU A 24 -8.47 -12.77 -11.95
CA LEU A 24 -9.02 -11.63 -11.21
C LEU A 24 -10.10 -10.94 -12.01
N GLU A 25 -9.89 -10.79 -13.32
CA GLU A 25 -10.88 -10.08 -14.13
C GLU A 25 -12.15 -10.91 -14.26
N GLN A 26 -12.00 -12.24 -14.38
CA GLN A 26 -13.18 -13.10 -14.42
C GLN A 26 -13.92 -13.06 -13.09
N LEU A 27 -13.19 -13.09 -11.95
CA LEU A 27 -13.84 -13.01 -10.63
C LEU A 27 -14.67 -11.74 -10.48
N LYS A 28 -14.11 -10.59 -10.89
CA LYS A 28 -14.84 -9.33 -10.77
C LYS A 28 -16.13 -9.38 -11.58
N ARG A 29 -16.06 -9.94 -12.79
CA ARG A 29 -17.23 -10.00 -13.67
C ARG A 29 -18.30 -10.92 -13.08
N LEU A 30 -17.89 -12.05 -12.51
CA LEU A 30 -18.83 -12.93 -11.81
C LEU A 30 -19.49 -12.23 -10.62
N LEU A 31 -18.68 -11.54 -9.81
CA LEU A 31 -19.20 -10.81 -8.65
C LEU A 31 -20.16 -9.73 -9.12
N GLU A 32 -19.76 -8.95 -10.14
CA GLU A 32 -20.63 -7.93 -10.73
C GLU A 32 -21.93 -8.52 -11.24
N ALA A 33 -21.91 -9.76 -11.72
CA ALA A 33 -23.11 -10.41 -12.21
C ALA A 33 -23.87 -11.17 -11.12
N GLY A 34 -23.43 -11.08 -9.87
CA GLY A 34 -24.21 -11.54 -8.74
C GLY A 34 -23.79 -12.86 -8.13
N ALA A 35 -22.64 -13.40 -8.52
CA ALA A 35 -22.14 -14.62 -7.90
C ALA A 35 -22.15 -14.51 -6.38
N ASP A 36 -22.59 -15.60 -5.71
CA ASP A 36 -22.68 -15.70 -4.26
C ASP A 36 -21.32 -15.54 -3.60
N PRO A 37 -21.06 -14.43 -2.89
CA PRO A 37 -19.74 -14.24 -2.27
C PRO A 37 -19.50 -15.06 -1.01
N ASN A 38 -20.42 -15.96 -0.64
CA ASN A 38 -20.36 -16.66 0.64
C ASN A 38 -20.26 -18.17 0.50
N ALA A 39 -20.31 -18.70 -0.72
CA ALA A 39 -20.35 -20.15 -0.91
C ALA A 39 -18.95 -20.72 -0.74
N ALA A 40 -18.79 -21.62 0.23
CA ALA A 40 -17.49 -22.10 0.69
C ALA A 40 -17.14 -23.47 0.09
N ASP A 41 -15.84 -23.79 0.14
CA ASP A 41 -15.32 -25.03 -0.43
C ASP A 41 -15.61 -26.18 0.54
N ASN A 42 -15.10 -27.38 0.21
CA ASN A 42 -15.40 -28.58 0.99
C ASN A 42 -14.74 -28.59 2.37
N ALA A 43 -13.97 -27.56 2.73
CA ALA A 43 -13.35 -27.45 4.03
C ALA A 43 -13.95 -26.31 4.85
N GLY A 44 -15.09 -25.78 4.40
CA GLY A 44 -15.64 -24.60 5.04
C GLY A 44 -14.85 -23.33 4.83
N LYS A 45 -13.86 -23.33 3.94
CA LYS A 45 -13.14 -22.11 3.62
C LYS A 45 -14.01 -21.27 2.70
N THR A 46 -14.27 -20.03 3.11
CA THR A 46 -15.01 -19.05 2.33
C THR A 46 -14.11 -18.37 1.30
N PRO A 47 -14.69 -17.76 0.26
CA PRO A 47 -13.87 -16.89 -0.62
C PRO A 47 -13.05 -15.86 0.15
N LEU A 48 -13.61 -15.25 1.20
CA LEU A 48 -12.87 -14.25 1.97
C LEU A 48 -11.63 -14.85 2.61
N LEU A 49 -11.81 -15.96 3.33
CA LEU A 49 -10.72 -16.62 4.04
C LEU A 49 -9.66 -17.15 3.07
N LEU A 50 -10.09 -17.66 1.92
CA LEU A 50 -9.14 -18.22 0.96
C LEU A 50 -8.31 -17.13 0.34
N LEU A 51 -8.92 -15.99 0.05
CA LEU A 51 -8.11 -14.88 -0.46
C LEU A 51 -7.27 -14.25 0.65
N ILE A 52 -7.68 -14.36 1.90
CA ILE A 52 -6.81 -13.82 2.94
C ILE A 52 -5.58 -14.70 3.09
N GLU A 53 -5.75 -16.01 2.94
CA GLU A 53 -4.60 -16.92 2.87
C GLU A 53 -3.66 -16.57 1.74
N ILE A 54 -4.21 -16.05 0.63
CA ILE A 54 -3.31 -15.61 -0.46
C ILE A 54 -2.53 -14.38 -0.05
N VAL A 55 -3.17 -13.44 0.68
CA VAL A 55 -2.38 -12.30 1.22
C VAL A 55 -1.27 -12.80 2.13
N ARG A 56 -1.56 -13.82 2.93
CA ARG A 56 -0.57 -14.31 3.89
C ARG A 56 0.60 -15.03 3.23
N GLN A 57 0.34 -15.73 2.14
CA GLN A 57 1.34 -16.61 1.55
C GLN A 57 1.85 -16.15 0.19
N GLY A 58 1.16 -15.22 -0.46
CA GLY A 58 1.39 -15.00 -1.87
C GLY A 58 2.55 -14.01 -2.09
N SER A 59 2.93 -13.87 -3.35
CA SER A 59 3.90 -12.84 -3.75
C SER A 59 3.31 -11.43 -3.60
N GLU A 60 4.14 -10.40 -3.84
CA GLU A 60 3.64 -9.03 -3.77
C GLU A 60 2.54 -8.79 -4.81
N GLU A 61 2.69 -9.37 -6.00
CA GLU A 61 1.62 -9.25 -6.98
C GLU A 61 0.34 -9.95 -6.51
N GLN A 62 0.47 -11.16 -5.99
CA GLN A 62 -0.72 -11.88 -5.48
C GLN A 62 -1.41 -11.14 -4.33
N GLN A 63 -0.64 -10.54 -3.42
CA GLN A 63 -1.24 -9.75 -2.34
C GLN A 63 -2.07 -8.61 -2.89
N LYS A 64 -1.57 -7.92 -3.92
CA LYS A 64 -2.35 -6.83 -4.51
C LYS A 64 -3.63 -7.35 -5.17
N ALA A 65 -3.51 -8.40 -5.99
CA ALA A 65 -4.69 -8.99 -6.60
C ALA A 65 -5.72 -9.37 -5.52
N ALA A 66 -5.28 -10.01 -4.44
CA ALA A 66 -6.23 -10.47 -3.42
C ALA A 66 -6.83 -9.31 -2.63
N LEU A 67 -6.05 -8.25 -2.37
CA LEU A 67 -6.60 -7.10 -1.70
C LEU A 67 -7.73 -6.47 -2.51
N GLU A 68 -7.53 -6.38 -3.84
CA GLU A 68 -8.57 -5.86 -4.72
C GLU A 68 -9.82 -6.73 -4.65
N LEU A 69 -9.63 -8.04 -4.69
CA LEU A 69 -10.77 -8.96 -4.73
C LEU A 69 -11.48 -9.01 -3.40
N LEU A 70 -10.72 -8.91 -2.31
CA LEU A 70 -11.33 -8.87 -0.98
C LEU A 70 -12.22 -7.63 -0.82
N LYS A 71 -11.78 -6.48 -1.33
CA LYS A 71 -12.64 -5.30 -1.26
C LYS A 71 -13.95 -5.52 -2.02
N LEU A 72 -13.85 -6.15 -3.20
CA LEU A 72 -15.05 -6.40 -4.01
C LEU A 72 -15.95 -7.44 -3.35
N LEU A 73 -15.36 -8.45 -2.72
CA LEU A 73 -16.19 -9.41 -1.99
C LEU A 73 -16.96 -8.75 -0.87
N LEU A 74 -16.30 -7.86 -0.12
CA LEU A 74 -17.01 -7.21 0.97
C LEU A 74 -18.09 -6.29 0.43
N GLU A 75 -17.83 -5.59 -0.68
CA GLU A 75 -18.90 -4.80 -1.30
C GLU A 75 -20.00 -5.68 -1.90
N ALA A 76 -19.66 -6.91 -2.31
CA ALA A 76 -20.66 -7.84 -2.81
C ALA A 76 -21.52 -8.42 -1.71
N GLY A 77 -21.11 -8.30 -0.46
CA GLY A 77 -21.85 -8.79 0.67
C GLY A 77 -21.25 -10.00 1.40
N ALA A 78 -19.97 -10.30 1.18
CA ALA A 78 -19.39 -11.42 1.91
C ALA A 78 -19.49 -11.18 3.41
N ASP A 79 -19.83 -12.24 4.15
CA ASP A 79 -19.98 -12.21 5.60
C ASP A 79 -18.64 -11.95 6.28
N PRO A 80 -18.42 -10.78 6.88
CA PRO A 80 -17.12 -10.48 7.48
C PRO A 80 -16.84 -11.26 8.75
N ASN A 81 -17.83 -12.04 9.24
CA ASN A 81 -17.72 -12.77 10.50
C ASN A 81 -17.70 -14.28 10.34
N ALA A 82 -17.77 -14.81 9.12
CA ALA A 82 -17.92 -16.25 8.97
C ALA A 82 -16.57 -16.93 9.17
N ALA A 83 -16.54 -17.90 10.08
CA ALA A 83 -15.36 -18.68 10.40
C ALA A 83 -15.31 -19.95 9.55
N ASP A 84 -14.11 -20.53 9.44
CA ASP A 84 -13.95 -21.82 8.80
C ASP A 84 -14.20 -22.93 9.84
N ASN A 85 -13.87 -24.17 9.48
CA ASN A 85 -14.13 -25.28 10.39
C ASN A 85 -13.23 -25.24 11.63
N ALA A 86 -12.00 -24.77 11.49
CA ALA A 86 -11.11 -24.79 12.65
C ALA A 86 -11.36 -23.63 13.60
N GLY A 87 -12.32 -22.74 13.31
CA GLY A 87 -12.58 -21.60 14.16
C GLY A 87 -11.86 -20.33 13.76
N LYS A 88 -11.11 -20.34 12.65
CA LYS A 88 -10.44 -19.13 12.17
C LYS A 88 -11.45 -18.18 11.54
N THR A 89 -11.39 -16.91 11.93
CA THR A 89 -12.18 -15.82 11.37
C THR A 89 -11.29 -14.86 10.57
N PRO A 90 -11.88 -14.07 9.65
CA PRO A 90 -11.09 -13.11 8.88
C PRO A 90 -10.36 -12.10 9.73
N LEU A 91 -11.00 -11.60 10.80
CA LEU A 91 -10.32 -10.68 11.70
C LEU A 91 -9.10 -11.32 12.34
N LEU A 92 -9.26 -12.53 12.89
CA LEU A 92 -8.12 -13.19 13.51
C LEU A 92 -7.01 -13.47 12.51
N LEU A 93 -7.36 -14.02 11.35
CA LEU A 93 -6.36 -14.35 10.33
C LEU A 93 -5.60 -13.11 9.87
N LEU A 94 -6.28 -11.98 9.68
CA LEU A 94 -5.59 -10.76 9.26
C LEU A 94 -4.69 -10.21 10.37
N ILE A 95 -5.06 -10.45 11.64
CA ILE A 95 -4.18 -10.07 12.74
C ILE A 95 -2.93 -10.93 12.75
N GLU A 96 -3.08 -12.22 12.42
CA GLU A 96 -1.90 -13.05 12.24
C GLU A 96 -0.99 -12.50 11.17
N ILE A 97 -1.56 -11.92 10.12
CA ILE A 97 -0.70 -11.41 9.04
C ILE A 97 0.07 -10.19 9.54
N VAL A 98 -0.60 -9.31 10.31
CA VAL A 98 0.13 -8.19 10.94
C VAL A 98 1.28 -8.72 11.80
N ARG A 99 1.03 -9.79 12.54
CA ARG A 99 2.05 -10.30 13.47
CA ARG A 99 2.04 -10.31 13.47
C ARG A 99 3.22 -10.94 12.75
N GLN A 100 2.98 -11.68 11.66
CA GLN A 100 4.04 -12.44 10.97
C GLN A 100 4.44 -11.92 9.61
N GLY A 101 3.77 -10.95 9.08
CA GLY A 101 3.97 -10.62 7.68
C GLY A 101 5.11 -9.65 7.43
N SER A 102 5.49 -9.55 6.14
CA SER A 102 6.43 -8.51 5.70
C SER A 102 5.81 -7.12 5.86
N GLU A 103 6.63 -6.07 5.65
CA GLU A 103 6.07 -4.72 5.68
C GLU A 103 4.96 -4.54 4.64
N GLU A 104 5.11 -5.14 3.46
CA GLU A 104 4.05 -5.04 2.46
C GLU A 104 2.79 -5.79 2.90
N GLN A 105 2.96 -6.99 3.45
CA GLN A 105 1.81 -7.71 3.95
C GLN A 105 1.11 -6.99 5.10
N GLN A 106 1.88 -6.39 6.01
CA GLN A 106 1.28 -5.64 7.11
C GLN A 106 0.41 -4.50 6.60
N LYS A 107 0.89 -3.76 5.61
CA LYS A 107 0.09 -2.66 5.06
C LYS A 107 -1.22 -3.17 4.46
N ALA A 108 -1.15 -4.23 3.64
CA ALA A 108 -2.35 -4.84 3.08
C ALA A 108 -3.33 -5.24 4.17
N ALA A 109 -2.83 -5.95 5.19
CA ALA A 109 -3.66 -6.39 6.30
C ALA A 109 -4.26 -5.22 7.09
N LEU A 110 -3.50 -4.14 7.28
CA LEU A 110 -4.05 -2.98 7.96
C LEU A 110 -5.21 -2.37 7.15
N GLU A 111 -5.04 -2.28 5.84
CA GLU A 111 -6.12 -1.75 5.01
C GLU A 111 -7.33 -2.67 5.06
N LEU A 112 -7.09 -3.98 5.05
CA LEU A 112 -8.20 -4.94 5.06
C LEU A 112 -8.94 -4.93 6.38
N LEU A 113 -8.20 -4.83 7.49
CA LEU A 113 -8.83 -4.84 8.80
C LEU A 113 -9.77 -3.65 8.97
N LYS A 114 -9.38 -2.46 8.48
CA LYS A 114 -10.30 -1.32 8.53
C LYS A 114 -11.55 -1.61 7.72
N LEU A 115 -11.39 -2.16 6.50
CA LEU A 115 -12.55 -2.50 5.69
C LEU A 115 -13.41 -3.55 6.38
N LEU A 116 -12.78 -4.55 6.99
CA LEU A 116 -13.51 -5.59 7.71
C LEU A 116 -14.38 -4.99 8.81
N LEU A 117 -13.81 -4.10 9.64
CA LEU A 117 -14.58 -3.48 10.71
C LEU A 117 -15.71 -2.61 10.18
N GLU A 118 -15.51 -1.93 9.05
CA GLU A 118 -16.62 -1.14 8.50
C GLU A 118 -17.72 -2.04 7.95
N ALA A 119 -17.40 -3.27 7.57
CA ALA A 119 -18.39 -4.19 7.05
C ALA A 119 -19.13 -4.95 8.13
N GLY A 120 -18.78 -4.75 9.40
CA GLY A 120 -19.47 -5.39 10.49
C GLY A 120 -18.75 -6.52 11.19
N ALA A 121 -17.46 -6.70 10.97
CA ALA A 121 -16.73 -7.74 11.69
C ALA A 121 -16.88 -7.52 13.19
N ASP A 122 -17.00 -8.61 13.92
CA ASP A 122 -17.24 -8.56 15.35
C ASP A 122 -15.93 -8.26 16.05
N PRO A 123 -15.74 -7.06 16.62
CA PRO A 123 -14.46 -6.76 17.26
C PRO A 123 -14.23 -7.52 18.56
N ASN A 124 -15.16 -8.36 18.99
CA ASN A 124 -15.05 -9.08 20.25
C ASN A 124 -14.85 -10.58 20.08
N ALA A 125 -14.91 -11.09 18.86
CA ALA A 125 -14.91 -12.53 18.62
C ALA A 125 -13.49 -13.08 18.76
N ALA A 126 -13.30 -14.02 19.69
CA ALA A 126 -12.00 -14.52 20.12
C ALA A 126 -11.68 -15.88 19.47
N ASP A 127 -10.42 -16.33 19.67
CA ASP A 127 -9.90 -17.59 19.14
C ASP A 127 -10.17 -18.70 20.15
N ASN A 128 -9.45 -19.83 20.07
CA ASN A 128 -9.71 -20.96 20.94
C ASN A 128 -9.29 -20.67 22.37
N ALA A 129 -8.09 -20.14 22.54
CA ALA A 129 -7.61 -19.77 23.87
C ALA A 129 -8.34 -18.61 24.43
N GLY A 130 -9.33 -18.07 23.73
CA GLY A 130 -10.09 -16.96 24.23
C GLY A 130 -9.41 -15.63 24.07
N LYS A 131 -8.32 -15.56 23.29
CA LYS A 131 -7.67 -14.28 23.05
C LYS A 131 -8.54 -13.44 22.12
N THR A 132 -8.87 -12.24 22.55
CA THR A 132 -9.60 -11.34 21.70
C THR A 132 -8.68 -10.67 20.70
N PRO A 133 -9.24 -10.09 19.64
CA PRO A 133 -8.46 -9.20 18.77
C PRO A 133 -7.72 -8.16 19.53
N LEU A 134 -8.33 -7.63 20.60
CA LEU A 134 -7.69 -6.63 21.44
C LEU A 134 -6.43 -7.18 22.09
N LEU A 135 -6.54 -8.34 22.74
CA LEU A 135 -5.39 -8.99 23.35
C LEU A 135 -4.31 -9.35 22.32
N LEU A 136 -4.70 -9.95 21.20
CA LEU A 136 -3.72 -10.31 20.17
C LEU A 136 -3.00 -9.10 19.62
N LEU A 137 -3.70 -7.98 19.46
CA LEU A 137 -3.00 -6.81 18.98
C LEU A 137 -2.10 -6.19 20.04
N ILE A 138 -2.45 -6.29 21.34
CA ILE A 138 -1.51 -5.84 22.35
C ILE A 138 -0.28 -6.73 22.37
N GLU A 139 -0.43 -8.02 22.07
CA GLU A 139 0.75 -8.88 21.99
C GLU A 139 1.69 -8.42 20.88
N ILE A 140 1.16 -7.79 19.83
CA ILE A 140 2.02 -7.31 18.75
C ILE A 140 2.74 -6.04 19.20
N VAL A 141 2.05 -5.16 19.96
CA VAL A 141 2.77 -4.03 20.60
C VAL A 141 3.95 -4.55 21.39
N ARG A 142 3.75 -5.65 22.12
CA ARG A 142 4.81 -6.14 22.98
C ARG A 142 5.97 -6.73 22.18
N GLN A 143 5.68 -7.51 21.15
CA GLN A 143 6.72 -8.30 20.49
C GLN A 143 7.04 -7.86 19.08
N GLY A 144 6.30 -6.91 18.50
CA GLY A 144 6.49 -6.56 17.11
C GLY A 144 7.70 -5.64 16.88
N SER A 145 8.03 -5.46 15.61
CA SER A 145 8.94 -4.40 15.18
C SER A 145 8.32 -3.02 15.41
N GLU A 146 9.13 -1.97 15.27
CA GLU A 146 8.59 -0.62 15.43
C GLU A 146 7.43 -0.38 14.47
N GLU A 147 7.51 -0.90 13.23
CA GLU A 147 6.44 -0.70 12.26
C GLU A 147 5.20 -1.54 12.60
N GLN A 148 5.39 -2.75 13.13
CA GLN A 148 4.25 -3.52 13.64
C GLN A 148 3.60 -2.83 14.84
N GLN A 149 4.42 -2.35 15.78
CA GLN A 149 3.90 -1.58 16.91
C GLN A 149 3.03 -0.42 16.45
N LYS A 150 3.46 0.29 15.41
CA LYS A 150 2.70 1.44 14.92
C LYS A 150 1.38 1.00 14.30
N ALA A 151 1.40 -0.06 13.49
CA ALA A 151 0.15 -0.53 12.91
C ALA A 151 -0.79 -1.06 13.99
N ALA A 152 -0.25 -1.80 14.95
CA ALA A 152 -1.08 -2.31 16.06
C ALA A 152 -1.70 -1.16 16.88
N LEU A 153 -0.95 -0.09 17.12
CA LEU A 153 -1.52 1.09 17.77
C LEU A 153 -2.71 1.62 16.99
N GLU A 154 -2.54 1.76 15.67
CA GLU A 154 -3.62 2.26 14.82
C GLU A 154 -4.84 1.34 14.90
N LEU A 155 -4.60 0.03 14.82
CA LEU A 155 -5.69 -0.95 14.85
C LEU A 155 -6.38 -0.99 16.19
N LEU A 156 -5.61 -0.91 17.28
CA LEU A 156 -6.22 -0.91 18.61
C LEU A 156 -7.17 0.28 18.77
N LYS A 157 -6.75 1.48 18.35
CA LYS A 157 -7.62 2.65 18.41
C LYS A 157 -8.88 2.44 17.61
N LEU A 158 -8.74 1.96 16.35
CA LEU A 158 -9.90 1.67 15.53
C LEU A 158 -10.77 0.56 16.11
N LEU A 159 -10.17 -0.37 16.86
CA LEU A 159 -10.93 -1.47 17.45
C LEU A 159 -11.71 -1.02 18.67
N LEU A 160 -11.18 -0.06 19.44
CA LEU A 160 -11.89 0.48 20.58
C LEU A 160 -13.04 1.38 20.13
N GLU A 161 -12.80 2.20 19.11
CA GLU A 161 -13.86 3.01 18.52
C GLU A 161 -14.89 2.17 17.77
N ALA A 162 -14.61 0.89 17.53
CA ALA A 162 -15.57 -0.05 16.95
C ALA A 162 -16.31 -0.87 18.00
N GLY A 163 -16.08 -0.61 19.29
CA GLY A 163 -16.82 -1.26 20.34
C GLY A 163 -16.17 -2.48 20.97
N ALA A 164 -14.84 -2.58 20.95
CA ALA A 164 -14.19 -3.72 21.56
C ALA A 164 -14.25 -3.62 23.08
N ASP A 165 -14.38 -4.77 23.73
CA ASP A 165 -14.54 -4.80 25.17
C ASP A 165 -13.20 -4.54 25.85
N PRO A 166 -13.00 -3.35 26.45
CA PRO A 166 -11.68 -3.06 27.05
C PRO A 166 -11.30 -4.01 28.18
N ASN A 167 -12.27 -4.70 28.77
CA ASN A 167 -12.03 -5.49 29.97
C ASN A 167 -12.16 -6.99 29.71
N ALA A 168 -12.32 -7.40 28.46
CA ALA A 168 -12.50 -8.82 28.16
C ALA A 168 -11.19 -9.58 28.32
N ALA A 169 -11.24 -10.66 29.08
CA ALA A 169 -10.08 -11.46 29.46
C ALA A 169 -10.08 -12.76 28.66
N ASP A 170 -8.91 -13.40 28.58
CA ASP A 170 -8.80 -14.65 27.82
C ASP A 170 -9.06 -15.83 28.75
N ASN A 171 -8.87 -17.05 28.24
CA ASN A 171 -9.25 -18.21 29.03
C ASN A 171 -8.37 -18.37 30.27
N ALA A 172 -7.17 -17.79 30.26
CA ALA A 172 -6.23 -17.90 31.36
C ALA A 172 -6.33 -16.75 32.36
N GLY A 173 -7.27 -15.84 32.19
CA GLY A 173 -7.39 -14.69 33.07
C GLY A 173 -6.69 -13.42 32.61
N GLN A 174 -5.88 -13.48 31.54
CA GLN A 174 -5.10 -12.32 31.15
C GLN A 174 -6.00 -11.20 30.64
N THR A 175 -5.71 -9.97 31.04
CA THR A 175 -6.47 -8.82 30.59
C THR A 175 -5.62 -7.86 29.77
N PRO A 176 -6.26 -7.04 28.94
CA PRO A 176 -5.49 -5.97 28.25
C PRO A 176 -4.74 -5.07 29.21
N GLN A 177 -5.34 -4.70 30.35
CA GLN A 177 -4.64 -3.84 31.30
C GLN A 177 -3.44 -4.55 31.90
N GLN A 178 -3.59 -5.84 32.25
CA GLN A 178 -2.47 -6.63 32.73
C GLN A 178 -1.31 -6.60 31.73
N LEU A 179 -1.61 -6.88 30.45
CA LEU A 179 -0.56 -6.94 29.44
C LEU A 179 0.09 -5.58 29.25
N LEU A 180 -0.72 -4.52 29.21
CA LEU A 180 -0.18 -3.19 29.02
C LEU A 180 0.77 -2.81 30.13
N LYS A 181 0.43 -3.17 31.38
CA LYS A 181 1.34 -2.85 32.48
C LYS A 181 2.63 -3.66 32.39
N ALA A 182 2.57 -4.89 31.89
CA ALA A 182 3.80 -5.65 31.67
C ALA A 182 4.68 -4.97 30.62
N ILE A 183 4.08 -4.46 29.56
CA ILE A 183 4.82 -3.69 28.56
C ILE A 183 5.41 -2.44 29.20
N GLU A 184 4.62 -1.75 30.02
CA GLU A 184 5.19 -0.64 30.80
C GLU A 184 6.39 -1.08 31.61
N ARG A 185 6.38 -2.31 32.14
CA ARG A 185 7.51 -2.74 32.96
C ARG A 185 8.69 -3.20 32.11
N GLN A 186 8.43 -3.97 31.06
CA GLN A 186 9.50 -4.65 30.35
C GLN A 186 9.88 -4.03 29.02
N GLY A 187 9.07 -3.12 28.48
CA GLY A 187 9.27 -2.65 27.12
C GLY A 187 10.31 -1.55 26.99
N SER A 188 10.51 -1.16 25.73
CA SER A 188 11.38 -0.05 25.37
C SER A 188 10.70 1.27 25.72
N GLU A 189 11.50 2.35 25.76
CA GLU A 189 10.93 3.66 26.07
C GLU A 189 9.80 4.01 25.11
N GLU A 190 9.92 3.62 23.84
CA GLU A 190 8.83 3.78 22.88
C GLU A 190 7.63 2.92 23.26
N GLN A 191 7.87 1.66 23.64
CA GLN A 191 6.76 0.78 24.03
C GLN A 191 6.09 1.27 25.31
N GLN A 192 6.89 1.76 26.29
CA GLN A 192 6.30 2.22 27.54
C GLN A 192 5.41 3.42 27.31
N LYS A 193 5.83 4.36 26.45
CA LYS A 193 4.97 5.51 26.16
C LYS A 193 3.73 5.09 25.37
N ALA A 194 3.83 4.02 24.57
CA ALA A 194 2.65 3.53 23.87
C ALA A 194 1.69 2.82 24.81
N ALA A 195 2.20 1.99 25.72
CA ALA A 195 1.34 1.28 26.65
C ALA A 195 0.62 2.22 27.61
N LYS A 196 1.23 3.36 27.92
CA LYS A 196 0.57 4.34 28.78
C LYS A 196 -0.57 5.02 28.05
N GLU A 197 -0.36 5.39 26.79
CA GLU A 197 -1.45 5.94 25.98
C GLU A 197 -2.58 4.94 25.83
N LEU A 198 -2.23 3.66 25.68
CA LEU A 198 -3.25 2.62 25.53
C LEU A 198 -3.99 2.34 26.83
N LEU A 199 -3.33 2.51 27.99
CA LEU A 199 -4.07 2.36 29.24
C LEU A 199 -5.10 3.47 29.41
N LYS A 200 -4.77 4.69 29.01
CA LYS A 200 -5.78 5.76 29.11
C LYS A 200 -6.89 5.53 28.09
N LEU A 201 -6.57 5.00 26.92
CA LEU A 201 -7.62 4.73 25.93
C LEU A 201 -8.54 3.60 26.40
N LEU A 202 -7.97 2.58 27.06
CA LEU A 202 -8.79 1.49 27.57
C LEU A 202 -9.81 1.99 28.59
N GLU A 203 -9.36 2.79 29.55
CA GLU A 203 -10.27 3.31 30.56
C GLU A 203 -11.35 4.17 29.94
N GLU A 204 -10.97 5.07 29.02
CA GLU A 204 -11.92 5.97 28.41
C GLU A 204 -13.01 5.22 27.64
N ALA A 205 -12.72 4.01 27.18
CA ALA A 205 -13.68 3.19 26.46
C ALA A 205 -14.54 2.37 27.44
N MET B 1 8.09 11.92 -35.59
CA MET B 1 8.30 10.52 -35.98
C MET B 1 7.51 9.54 -35.09
N GLU B 2 6.45 8.96 -35.66
CA GLU B 2 5.67 7.94 -34.96
C GLU B 2 6.54 6.73 -34.61
N THR B 3 6.28 6.13 -33.45
CA THR B 3 6.99 4.88 -33.21
C THR B 3 6.00 3.82 -32.76
N PRO B 4 6.31 2.54 -33.04
CA PRO B 4 5.39 1.46 -32.61
C PRO B 4 5.04 1.49 -31.13
N LEU B 5 6.01 1.76 -30.23
CA LEU B 5 5.66 1.82 -28.80
C LEU B 5 4.65 2.92 -28.53
N LEU B 6 4.88 4.09 -29.12
CA LEU B 6 4.01 5.23 -28.84
C LEU B 6 2.62 5.01 -29.38
N GLU B 7 2.53 4.45 -30.59
CA GLU B 7 1.23 4.12 -31.15
C GLU B 7 0.47 3.18 -30.25
N LEU B 8 1.15 2.17 -29.69
CA LEU B 8 0.45 1.23 -28.81
C LEU B 8 0.15 1.77 -27.43
N ILE B 9 1.02 2.63 -26.87
CA ILE B 9 0.68 3.29 -25.63
C ILE B 9 -0.57 4.13 -25.83
N ALA B 10 -0.72 4.73 -27.02
CA ALA B 10 -1.93 5.50 -27.29
C ALA B 10 -3.17 4.62 -27.18
N ILE B 11 -3.07 3.34 -27.54
CA ILE B 11 -4.26 2.48 -27.43
C ILE B 11 -4.60 2.18 -25.98
N VAL B 12 -3.57 1.99 -25.14
CA VAL B 12 -3.81 1.89 -23.69
C VAL B 12 -4.52 3.13 -23.17
N ARG B 13 -4.13 4.31 -23.66
CA ARG B 13 -4.77 5.53 -23.20
C ARG B 13 -6.21 5.66 -23.73
N GLN B 14 -6.44 5.37 -25.02
CA GLN B 14 -7.73 5.66 -25.63
C GLN B 14 -8.67 4.47 -25.77
N GLY B 15 -8.14 3.26 -25.74
CA GLY B 15 -8.94 2.14 -26.14
C GLY B 15 -9.86 1.60 -25.05
N SER B 16 -10.75 0.69 -25.48
CA SER B 16 -11.61 -0.03 -24.55
C SER B 16 -10.75 -0.90 -23.63
N GLU B 17 -11.39 -1.44 -22.59
CA GLU B 17 -10.71 -2.44 -21.75
C GLU B 17 -10.11 -3.55 -22.60
N GLU B 18 -10.84 -4.06 -23.59
CA GLU B 18 -10.32 -5.15 -24.41
C GLU B 18 -9.13 -4.69 -25.25
N GLN B 19 -9.25 -3.51 -25.87
CA GLN B 19 -8.15 -3.00 -26.68
C GLN B 19 -6.92 -2.69 -25.85
N GLN B 20 -7.11 -2.21 -24.60
CA GLN B 20 -5.96 -1.97 -23.72
C GLN B 20 -5.21 -3.26 -23.42
N LYS B 21 -5.92 -4.33 -23.11
CA LYS B 21 -5.19 -5.55 -22.78
C LYS B 21 -4.46 -6.11 -24.00
N SER B 22 -5.03 -5.94 -25.19
CA SER B 22 -4.36 -6.43 -26.39
C SER B 22 -3.13 -5.60 -26.69
N ALA B 23 -3.24 -4.27 -26.57
CA ALA B 23 -2.08 -3.40 -26.74
C ALA B 23 -1.01 -3.64 -25.68
N LEU B 24 -1.41 -3.95 -24.44
CA LEU B 24 -0.41 -4.28 -23.43
C LEU B 24 0.41 -5.48 -23.85
N GLU B 25 -0.26 -6.56 -24.31
CA GLU B 25 0.47 -7.76 -24.70
C GLU B 25 1.39 -7.46 -25.88
N GLN B 26 0.89 -6.65 -26.84
CA GLN B 26 1.68 -6.32 -28.04
C GLN B 26 2.90 -5.50 -27.67
N LEU B 27 2.73 -4.61 -26.68
CA LEU B 27 3.82 -3.80 -26.15
C LEU B 27 4.88 -4.69 -25.51
N LYS B 28 4.46 -5.69 -24.73
CA LYS B 28 5.44 -6.61 -24.14
C LYS B 28 6.24 -7.33 -25.24
N ARG B 29 5.56 -7.79 -26.29
CA ARG B 29 6.25 -8.51 -27.36
C ARG B 29 7.25 -7.60 -28.08
N LEU B 30 6.88 -6.34 -28.29
CA LEU B 30 7.78 -5.41 -28.97
C LEU B 30 9.02 -5.14 -28.13
N LEU B 31 8.82 -4.85 -26.83
CA LEU B 31 9.97 -4.66 -25.95
C LEU B 31 10.87 -5.89 -25.97
N GLU B 32 10.27 -7.09 -25.95
CA GLU B 32 11.06 -8.33 -26.06
C GLU B 32 11.78 -8.43 -27.40
N ALA B 33 11.19 -7.87 -28.45
CA ALA B 33 11.82 -7.90 -29.77
C ALA B 33 12.92 -6.84 -29.95
N GLY B 34 13.19 -6.04 -28.94
CA GLY B 34 14.26 -5.06 -28.99
C GLY B 34 13.84 -3.63 -29.33
N ALA B 35 12.55 -3.31 -29.27
CA ALA B 35 12.12 -1.93 -29.43
C ALA B 35 12.87 -1.00 -28.47
N ASP B 36 13.25 0.18 -28.98
CA ASP B 36 13.96 1.19 -28.20
C ASP B 36 13.06 1.80 -27.12
N PRO B 37 13.28 1.53 -25.83
CA PRO B 37 12.39 2.09 -24.79
C PRO B 37 12.59 3.58 -24.54
N ASN B 38 13.52 4.24 -25.21
CA ASN B 38 13.77 5.63 -24.95
C ASN B 38 13.25 6.56 -26.02
N ALA B 39 12.88 6.06 -27.20
CA ALA B 39 12.60 6.95 -28.33
C ALA B 39 11.35 7.77 -28.05
N ALA B 40 11.46 9.09 -28.16
CA ALA B 40 10.38 9.99 -27.80
C ALA B 40 9.63 10.49 -29.04
N ASP B 41 8.49 11.14 -28.79
CA ASP B 41 7.67 11.71 -29.85
C ASP B 41 8.17 13.13 -30.16
N ASN B 42 7.39 13.91 -30.91
CA ASN B 42 7.85 15.24 -31.32
C ASN B 42 7.98 16.18 -30.14
N ALA B 43 7.18 16.01 -29.09
CA ALA B 43 7.23 16.85 -27.91
C ALA B 43 8.21 16.34 -26.86
N GLY B 44 9.09 15.42 -27.24
CA GLY B 44 10.06 14.91 -26.29
C GLY B 44 9.47 14.09 -25.17
N LYS B 45 8.27 13.57 -25.37
CA LYS B 45 7.64 12.69 -24.40
C LYS B 45 8.08 11.26 -24.66
N THR B 46 8.58 10.63 -23.65
CA THR B 46 9.14 9.29 -23.70
C THR B 46 8.06 8.27 -23.37
N PRO B 47 8.29 7.01 -23.72
CA PRO B 47 7.36 5.96 -23.23
C PRO B 47 7.15 5.99 -21.72
N LEU B 48 8.21 6.24 -20.96
CA LEU B 48 8.05 6.33 -19.50
C LEU B 48 7.15 7.50 -19.11
N LEU B 49 7.39 8.65 -19.71
CA LEU B 49 6.60 9.83 -19.36
C LEU B 49 5.15 9.66 -19.75
N LEU B 50 4.90 9.14 -20.96
CA LEU B 50 3.53 8.98 -21.42
C LEU B 50 2.78 7.96 -20.58
N LEU B 51 3.48 6.92 -20.11
CA LEU B 51 2.80 5.93 -19.28
C LEU B 51 2.57 6.41 -17.85
N ILE B 52 3.48 7.23 -17.32
CA ILE B 52 3.23 7.87 -16.05
C ILE B 52 2.02 8.80 -16.17
N GLU B 53 1.88 9.48 -17.31
CA GLU B 53 0.69 10.33 -17.51
C GLU B 53 -0.60 9.49 -17.51
N ILE B 54 -0.53 8.24 -17.97
CA ILE B 54 -1.71 7.35 -17.89
C ILE B 54 -2.00 6.98 -16.46
N VAL B 55 -0.96 6.76 -15.64
CA VAL B 55 -1.21 6.55 -14.20
C VAL B 55 -1.91 7.76 -13.61
N ARG B 56 -1.51 8.96 -14.03
CA ARG B 56 -2.04 10.18 -13.44
C ARG B 56 -3.51 10.41 -13.79
N GLN B 57 -3.90 10.16 -15.04
CA GLN B 57 -5.23 10.49 -15.52
C GLN B 57 -6.13 9.28 -15.75
N GLY B 58 -5.61 8.07 -15.65
CA GLY B 58 -6.33 6.93 -16.20
C GLY B 58 -7.25 6.26 -15.17
N SER B 59 -8.08 5.33 -15.67
CA SER B 59 -8.91 4.59 -14.73
C SER B 59 -8.06 3.67 -13.87
N GLU B 60 -8.71 2.99 -12.93
CA GLU B 60 -7.99 2.02 -12.11
C GLU B 60 -7.39 0.90 -12.97
N GLU B 61 -8.11 0.48 -14.02
CA GLU B 61 -7.56 -0.55 -14.90
C GLU B 61 -6.36 -0.01 -15.69
N GLN B 62 -6.51 1.17 -16.26
CA GLN B 62 -5.41 1.76 -17.01
C GLN B 62 -4.18 1.97 -16.12
N GLN B 63 -4.38 2.36 -14.85
CA GLN B 63 -3.27 2.54 -13.92
C GLN B 63 -2.52 1.23 -13.71
N LYS B 64 -3.25 0.12 -13.56
CA LYS B 64 -2.56 -1.17 -13.39
C LYS B 64 -1.80 -1.59 -14.65
N ALA B 65 -2.39 -1.42 -15.83
CA ALA B 65 -1.70 -1.72 -17.07
C ALA B 65 -0.43 -0.88 -17.21
N ALA B 66 -0.55 0.44 -16.96
CA ALA B 66 0.60 1.33 -17.10
C ALA B 66 1.70 0.96 -16.11
N LEU B 67 1.33 0.54 -14.91
CA LEU B 67 2.31 0.16 -13.90
C LEU B 67 3.11 -1.05 -14.35
N GLU B 68 2.42 -2.06 -14.89
CA GLU B 68 3.10 -3.23 -15.44
C GLU B 68 4.03 -2.84 -16.59
N LEU B 69 3.57 -1.97 -17.47
CA LEU B 69 4.41 -1.60 -18.61
C LEU B 69 5.57 -0.72 -18.19
N LEU B 70 5.36 0.15 -17.20
CA LEU B 70 6.48 0.96 -16.71
C LEU B 70 7.58 0.10 -16.11
N LYS B 71 7.21 -0.95 -15.37
CA LYS B 71 8.22 -1.86 -14.82
C LYS B 71 9.02 -2.55 -15.92
N LEU B 72 8.34 -3.03 -16.96
CA LEU B 72 9.04 -3.68 -18.06
C LEU B 72 9.94 -2.69 -18.80
N LEU B 73 9.45 -1.48 -19.02
CA LEU B 73 10.29 -0.46 -19.65
C LEU B 73 11.56 -0.24 -18.85
N LEU B 74 11.43 -0.09 -17.52
CA LEU B 74 12.61 0.10 -16.68
C LEU B 74 13.53 -1.10 -16.76
N GLU B 75 12.97 -2.32 -16.81
CA GLU B 75 13.82 -3.49 -17.01
C GLU B 75 14.39 -3.56 -18.42
N ALA B 76 13.80 -2.87 -19.39
CA ALA B 76 14.34 -2.89 -20.74
C ALA B 76 15.40 -1.81 -20.96
N GLY B 77 15.76 -1.05 -19.94
CA GLY B 77 16.75 -0.02 -20.07
C GLY B 77 16.23 1.39 -20.27
N ALA B 78 14.97 1.66 -19.94
CA ALA B 78 14.47 3.03 -20.10
C ALA B 78 15.22 3.96 -19.16
N ASP B 79 15.61 5.11 -19.66
CA ASP B 79 16.40 6.07 -18.88
C ASP B 79 15.52 6.68 -17.79
N PRO B 80 15.73 6.38 -16.50
CA PRO B 80 14.89 6.93 -15.43
C PRO B 80 15.02 8.42 -15.23
N ASN B 81 16.00 9.08 -15.85
CA ASN B 81 16.23 10.50 -15.65
C ASN B 81 15.80 11.37 -16.81
N ALA B 82 15.27 10.79 -17.89
CA ALA B 82 15.02 11.60 -19.09
C ALA B 82 13.80 12.47 -18.84
N ALA B 83 13.99 13.79 -18.86
CA ALA B 83 12.87 14.70 -18.66
C ALA B 83 12.26 15.04 -20.00
N ASP B 84 11.02 15.53 -19.98
CA ASP B 84 10.42 15.99 -21.23
C ASP B 84 10.98 17.34 -21.61
N ASN B 85 10.43 17.93 -22.68
CA ASN B 85 10.86 19.24 -23.13
C ASN B 85 10.67 20.33 -22.08
N ALA B 86 9.79 20.11 -21.10
CA ALA B 86 9.48 21.12 -20.09
C ALA B 86 10.18 20.90 -18.75
N GLY B 87 11.08 19.93 -18.66
CA GLY B 87 11.89 19.79 -17.45
C GLY B 87 11.37 18.79 -16.45
N LYS B 88 10.22 18.17 -16.72
CA LYS B 88 9.60 17.25 -15.78
C LYS B 88 10.32 15.91 -15.86
N THR B 89 10.86 15.45 -14.72
CA THR B 89 11.42 14.11 -14.68
C THR B 89 10.37 13.07 -14.24
N PRO B 90 10.63 11.78 -14.52
CA PRO B 90 9.75 10.75 -13.96
C PRO B 90 9.60 10.83 -12.45
N LEU B 91 10.70 11.06 -11.74
CA LEU B 91 10.63 11.14 -10.29
C LEU B 91 9.69 12.26 -9.84
N LEU B 92 9.81 13.43 -10.47
CA LEU B 92 8.99 14.59 -10.11
C LEU B 92 7.53 14.36 -10.47
N LEU B 93 7.28 13.82 -11.65
CA LEU B 93 5.91 13.56 -12.06
CA LEU B 93 5.91 13.55 -12.07
C LEU B 93 5.24 12.52 -11.15
N LEU B 94 6.00 11.52 -10.71
CA LEU B 94 5.39 10.53 -9.82
C LEU B 94 5.15 11.09 -8.44
N ILE B 95 6.00 12.03 -7.99
CA ILE B 95 5.74 12.68 -6.71
C ILE B 95 4.50 13.55 -6.81
N GLU B 96 4.27 14.20 -7.96
CA GLU B 96 3.00 14.91 -8.14
C GLU B 96 1.81 13.95 -8.01
N ILE B 97 1.94 12.72 -8.50
CA ILE B 97 0.82 11.77 -8.39
C ILE B 97 0.55 11.40 -6.93
N VAL B 98 1.61 11.12 -6.15
CA VAL B 98 1.43 10.97 -4.70
C VAL B 98 0.70 12.17 -4.11
N ARG B 99 1.05 13.39 -4.55
CA ARG B 99 0.48 14.58 -3.94
CA ARG B 99 0.47 14.57 -3.94
C ARG B 99 -0.98 14.76 -4.33
N GLN B 100 -1.34 14.47 -5.58
CA GLN B 100 -2.67 14.79 -6.09
C GLN B 100 -3.57 13.57 -6.32
N GLY B 101 -3.03 12.37 -6.25
CA GLY B 101 -3.77 11.19 -6.69
C GLY B 101 -4.69 10.59 -5.63
N SER B 102 -5.53 9.64 -6.09
CA SER B 102 -6.39 8.86 -5.21
C SER B 102 -5.54 7.90 -4.41
N GLU B 103 -6.14 7.22 -3.40
CA GLU B 103 -5.32 6.28 -2.63
C GLU B 103 -4.69 5.21 -3.52
N GLU B 104 -5.38 4.79 -4.59
CA GLU B 104 -4.83 3.76 -5.46
C GLU B 104 -3.71 4.31 -6.33
N GLN B 105 -3.85 5.53 -6.82
CA GLN B 105 -2.74 6.18 -7.53
C GLN B 105 -1.52 6.33 -6.64
N GLN B 106 -1.71 6.78 -5.39
CA GLN B 106 -0.56 6.93 -4.49
C GLN B 106 0.18 5.61 -4.34
N LYS B 107 -0.56 4.50 -4.20
CA LYS B 107 0.08 3.18 -4.10
C LYS B 107 0.86 2.83 -5.35
N ALA B 108 0.27 3.00 -6.53
CA ALA B 108 1.03 2.77 -7.77
C ALA B 108 2.29 3.63 -7.82
N ALA B 109 2.14 4.94 -7.57
CA ALA B 109 3.30 5.83 -7.68
C ALA B 109 4.38 5.49 -6.64
N LEU B 110 3.96 5.07 -5.44
CA LEU B 110 4.92 4.62 -4.43
C LEU B 110 5.70 3.40 -4.94
N GLU B 111 5.00 2.42 -5.50
CA GLU B 111 5.71 1.26 -6.07
C GLU B 111 6.67 1.67 -7.17
N LEU B 112 6.25 2.61 -8.03
CA LEU B 112 7.08 3.02 -9.18
C LEU B 112 8.26 3.86 -8.73
N LEU B 113 8.05 4.68 -7.71
CA LEU B 113 9.15 5.52 -7.22
C LEU B 113 10.27 4.66 -6.64
N LYS B 114 9.91 3.55 -5.98
CA LYS B 114 10.95 2.67 -5.43
C LYS B 114 11.80 2.05 -6.54
N LEU B 115 11.14 1.59 -7.61
CA LEU B 115 11.85 1.01 -8.75
C LEU B 115 12.62 2.06 -9.53
N LEU B 116 12.07 3.27 -9.64
CA LEU B 116 12.78 4.34 -10.32
C LEU B 116 14.10 4.65 -9.63
N LEU B 117 14.07 4.79 -8.29
CA LEU B 117 15.30 5.05 -7.56
C LEU B 117 16.29 3.91 -7.71
N GLU B 118 15.80 2.67 -7.74
CA GLU B 118 16.70 1.53 -7.92
C GLU B 118 17.23 1.43 -9.35
N ALA B 119 16.53 1.99 -10.33
CA ALA B 119 17.09 2.07 -11.67
C ALA B 119 18.05 3.24 -11.84
N GLY B 120 18.34 3.97 -10.77
CA GLY B 120 19.32 5.04 -10.82
C GLY B 120 18.78 6.41 -11.09
N ALA B 121 17.48 6.64 -10.89
CA ALA B 121 16.95 8.00 -10.94
C ALA B 121 17.73 8.92 -9.99
N ASP B 122 18.06 10.10 -10.49
CA ASP B 122 18.82 11.09 -9.72
C ASP B 122 17.92 11.69 -8.64
N PRO B 123 18.23 11.47 -7.35
CA PRO B 123 17.39 12.00 -6.27
C PRO B 123 17.50 13.50 -6.05
N ASN B 124 18.41 14.19 -6.72
CA ASN B 124 18.58 15.61 -6.49
C ASN B 124 18.08 16.50 -7.63
N ALA B 125 17.62 15.94 -8.74
CA ALA B 125 17.30 16.79 -9.89
C ALA B 125 16.01 17.56 -9.59
N ALA B 126 16.10 18.88 -9.64
CA ALA B 126 15.02 19.76 -9.24
C ALA B 126 14.12 20.14 -10.42
N ASP B 127 12.95 20.69 -10.10
CA ASP B 127 12.04 21.21 -11.11
C ASP B 127 12.50 22.61 -11.49
N ASN B 128 11.65 23.33 -12.24
CA ASN B 128 12.03 24.67 -12.71
C ASN B 128 12.09 25.66 -11.56
N ALA B 129 11.28 25.48 -10.53
CA ALA B 129 11.27 26.38 -9.39
C ALA B 129 12.35 26.06 -8.37
N GLY B 130 13.19 25.07 -8.64
CA GLY B 130 14.23 24.68 -7.73
C GLY B 130 13.80 23.77 -6.61
N LYS B 131 12.54 23.33 -6.61
CA LYS B 131 12.07 22.40 -5.60
C LYS B 131 12.65 21.01 -5.85
N THR B 132 13.29 20.46 -4.86
CA THR B 132 13.86 19.13 -4.97
C THR B 132 12.85 18.04 -4.65
N PRO B 133 13.08 16.82 -5.13
CA PRO B 133 12.27 15.69 -4.64
C PRO B 133 12.12 15.67 -3.14
N LEU B 134 13.19 16.05 -2.42
CA LEU B 134 13.17 16.07 -0.97
C LEU B 134 12.15 17.08 -0.45
N LEU B 135 12.22 18.30 -0.97
CA LEU B 135 11.30 19.35 -0.57
C LEU B 135 9.87 19.03 -0.96
N LEU B 136 9.67 18.51 -2.17
CA LEU B 136 8.31 18.23 -2.63
C LEU B 136 7.66 17.16 -1.75
N LEU B 137 8.42 16.16 -1.33
CA LEU B 137 7.89 15.11 -0.46
C LEU B 137 7.63 15.62 0.96
N ILE B 138 8.44 16.55 1.45
CA ILE B 138 8.15 17.08 2.76
C ILE B 138 6.91 17.95 2.70
N GLU B 139 6.69 18.65 1.57
CA GLU B 139 5.43 19.36 1.39
C GLU B 139 4.24 18.41 1.47
N ILE B 140 4.42 17.16 1.04
CA ILE B 140 3.31 16.21 1.12
C ILE B 140 3.04 15.83 2.58
N VAL B 141 4.10 15.63 3.38
CA VAL B 141 3.91 15.43 4.81
C VAL B 141 3.15 16.58 5.42
N ARG B 142 3.37 17.80 4.92
CA ARG B 142 2.71 18.94 5.54
C ARG B 142 1.26 19.07 5.11
N GLN B 143 0.96 18.90 3.82
CA GLN B 143 -0.38 19.14 3.30
C GLN B 143 -1.18 17.87 3.02
N GLY B 144 -0.61 16.70 3.23
CA GLY B 144 -1.24 15.48 2.75
C GLY B 144 -2.12 14.82 3.78
N SER B 145 -2.96 13.89 3.29
CA SER B 145 -3.77 13.06 4.14
C SER B 145 -2.89 12.15 4.98
N GLU B 146 -3.49 11.48 5.96
CA GLU B 146 -2.71 10.54 6.76
C GLU B 146 -2.08 9.46 5.88
N GLU B 147 -2.75 9.02 4.82
CA GLU B 147 -2.11 8.03 3.94
C GLU B 147 -0.97 8.66 3.12
N GLN B 148 -1.19 9.87 2.58
CA GLN B 148 -0.08 10.54 1.88
C GLN B 148 1.14 10.72 2.80
N GLN B 149 0.92 11.05 4.08
CA GLN B 149 2.05 11.26 5.00
C GLN B 149 2.85 9.97 5.20
N LYS B 150 2.17 8.83 5.36
CA LYS B 150 2.85 7.54 5.45
C LYS B 150 3.66 7.22 4.21
N ALA B 151 3.07 7.44 3.03
CA ALA B 151 3.83 7.18 1.80
C ALA B 151 5.04 8.11 1.69
N ALA B 152 4.82 9.39 1.98
CA ALA B 152 5.91 10.37 1.87
C ALA B 152 7.04 10.06 2.85
N LEU B 153 6.70 9.57 4.04
CA LEU B 153 7.75 9.20 4.99
C LEU B 153 8.59 8.05 4.46
N GLU B 154 7.93 7.01 3.92
CA GLU B 154 8.64 5.88 3.34
C GLU B 154 9.54 6.33 2.17
N LEU B 155 9.01 7.21 1.32
CA LEU B 155 9.76 7.73 0.19
C LEU B 155 10.91 8.62 0.66
N LEU B 156 10.68 9.44 1.69
CA LEU B 156 11.75 10.29 2.18
C LEU B 156 12.92 9.46 2.67
N LYS B 157 12.66 8.33 3.34
CA LYS B 157 13.75 7.47 3.82
C LYS B 157 14.58 6.96 2.65
N LEU B 158 13.91 6.49 1.60
CA LEU B 158 14.59 5.92 0.44
C LEU B 158 15.33 6.98 -0.35
N LEU B 159 14.74 8.17 -0.46
CA LEU B 159 15.42 9.26 -1.16
C LEU B 159 16.71 9.66 -0.46
N LEU B 160 16.70 9.71 0.88
CA LEU B 160 17.93 9.97 1.62
C LEU B 160 18.91 8.82 1.44
N GLU B 161 18.42 7.59 1.43
CA GLU B 161 19.30 6.44 1.24
C GLU B 161 19.84 6.36 -0.17
N ALA B 162 19.13 6.91 -1.14
CA ALA B 162 19.65 7.07 -2.49
C ALA B 162 20.54 8.31 -2.65
N GLY B 163 20.81 9.05 -1.57
CA GLY B 163 21.80 10.11 -1.61
C GLY B 163 21.29 11.50 -1.92
N ALA B 164 20.03 11.82 -1.62
CA ALA B 164 19.56 13.18 -1.84
C ALA B 164 20.22 14.14 -0.85
N ASP B 165 20.49 15.36 -1.29
CA ASP B 165 21.18 16.38 -0.52
C ASP B 165 20.27 16.91 0.59
N PRO B 166 20.55 16.60 1.86
CA PRO B 166 19.63 17.00 2.95
C PRO B 166 19.66 18.48 3.23
N ASN B 167 20.61 19.22 2.68
CA ASN B 167 20.76 20.63 2.95
C ASN B 167 20.42 21.52 1.76
N ALA B 168 20.08 20.92 0.60
CA ALA B 168 19.80 21.72 -0.58
C ALA B 168 18.52 22.52 -0.38
N ALA B 169 18.60 23.83 -0.58
CA ALA B 169 17.44 24.71 -0.53
C ALA B 169 16.83 24.85 -1.92
N ASP B 170 15.63 25.45 -1.96
CA ASP B 170 15.01 25.79 -3.24
C ASP B 170 15.42 27.22 -3.63
N ASN B 171 14.81 27.74 -4.70
CA ASN B 171 15.22 29.06 -5.19
C ASN B 171 14.84 30.19 -4.24
N ALA B 172 13.89 29.96 -3.34
CA ALA B 172 13.50 30.91 -2.32
C ALA B 172 14.31 30.77 -1.02
N GLY B 173 15.32 29.90 -1.01
CA GLY B 173 16.15 29.74 0.16
C GLY B 173 15.59 28.79 1.21
N GLN B 174 14.44 28.16 0.96
CA GLN B 174 13.83 27.25 1.93
C GLN B 174 14.62 25.96 2.03
N THR B 175 14.96 25.59 3.25
CA THR B 175 15.69 24.36 3.45
C THR B 175 14.76 23.24 3.93
N PRO B 176 15.15 21.98 3.73
CA PRO B 176 14.33 20.90 4.33
C PRO B 176 14.19 21.04 5.83
N GLN B 177 15.30 21.31 6.54
CA GLN B 177 15.24 21.49 7.98
C GLN B 177 14.25 22.57 8.36
N GLN B 178 14.24 23.69 7.62
CA GLN B 178 13.33 24.79 7.91
C GLN B 178 11.89 24.34 7.75
N LEU B 179 11.61 23.62 6.67
CA LEU B 179 10.24 23.20 6.42
C LEU B 179 9.78 22.19 7.46
N LEU B 180 10.66 21.28 7.85
CA LEU B 180 10.32 20.32 8.90
C LEU B 180 10.06 21.01 10.23
N LYS B 181 10.86 22.02 10.58
CA LYS B 181 10.64 22.73 11.83
C LYS B 181 9.28 23.40 11.86
N ALA B 182 8.87 24.00 10.73
CA ALA B 182 7.52 24.54 10.61
C ALA B 182 6.46 23.46 10.85
N ILE B 183 6.69 22.24 10.34
CA ILE B 183 5.71 21.17 10.52
C ILE B 183 5.62 20.78 11.98
N GLU B 184 6.77 20.67 12.66
CA GLU B 184 6.80 20.49 14.12
C GLU B 184 5.96 21.54 14.83
N ARG B 185 6.05 22.80 14.41
CA ARG B 185 5.29 23.83 15.09
C ARG B 185 3.80 23.72 14.79
N GLN B 186 3.47 23.60 13.52
CA GLN B 186 2.13 23.85 13.01
C GLN B 186 1.33 22.59 12.75
N GLY B 187 1.93 21.40 12.89
CA GLY B 187 1.28 20.17 12.47
C GLY B 187 0.48 19.47 13.57
N SER B 188 -0.23 18.43 13.16
CA SER B 188 -0.88 17.50 14.05
C SER B 188 0.15 16.68 14.83
N GLU B 189 -0.34 15.99 15.88
CA GLU B 189 0.55 15.16 16.68
C GLU B 189 1.29 14.13 15.83
N GLU B 190 0.60 13.51 14.87
CA GLU B 190 1.25 12.56 13.97
C GLU B 190 2.25 13.25 13.06
N GLN B 191 1.94 14.45 12.56
CA GLN B 191 2.93 15.16 11.75
C GLN B 191 4.14 15.57 12.59
N GLN B 192 3.90 16.12 13.79
CA GLN B 192 4.99 16.41 14.73
C GLN B 192 5.85 15.19 14.99
N LYS B 193 5.22 14.01 15.14
CA LYS B 193 5.99 12.79 15.34
C LYS B 193 6.83 12.45 14.11
N ALA B 194 6.24 12.52 12.92
CA ALA B 194 6.99 12.25 11.70
C ALA B 194 8.06 13.30 11.45
N ALA B 195 7.77 14.57 11.75
CA ALA B 195 8.72 15.62 11.48
C ALA B 195 9.98 15.46 12.32
N LYS B 196 9.83 15.04 13.57
CA LYS B 196 11.01 14.87 14.42
C LYS B 196 11.85 13.69 13.97
N GLU B 197 11.21 12.61 13.51
CA GLU B 197 11.94 11.49 12.91
C GLU B 197 12.71 11.92 11.66
N LEU B 198 12.07 12.68 10.77
CA LEU B 198 12.77 13.08 9.55
C LEU B 198 13.93 14.05 9.84
N LEU B 199 13.85 14.83 10.93
CA LEU B 199 14.97 15.71 11.27
C LEU B 199 16.18 14.91 11.73
N LYS B 200 15.96 13.83 12.48
CA LYS B 200 17.08 12.96 12.84
C LYS B 200 17.64 12.24 11.63
N LEU B 201 16.76 11.84 10.70
CA LEU B 201 17.19 11.22 9.46
C LEU B 201 17.98 12.19 8.61
N LEU B 202 17.52 13.44 8.53
CA LEU B 202 18.29 14.46 7.82
C LEU B 202 19.69 14.56 8.38
N GLU B 203 19.80 14.70 9.71
CA GLU B 203 21.11 14.87 10.33
C GLU B 203 22.00 13.66 10.12
N GLU B 204 21.42 12.45 10.11
CA GLU B 204 22.21 11.26 9.86
C GLU B 204 22.69 11.19 8.41
N ALA B 205 21.95 11.76 7.48
CA ALA B 205 22.32 11.66 6.07
C ALA B 205 23.49 12.58 5.71
C1 EDO C . 5.87 -11.94 0.36
C1 EDO C . 5.56 -13.49 1.26
O1 EDO C . 6.48 -11.32 -0.76
O1 EDO C . 4.57 -14.51 1.23
C2 EDO C . 5.96 -10.94 1.50
C2 EDO C . 6.05 -13.39 2.69
O2 EDO C . 5.52 -9.63 1.05
O2 EDO C . 6.29 -14.68 3.26
C1 EDO D . 9.07 -6.23 10.58
O1 EDO D . 8.03 -5.24 10.49
C2 EDO D . 8.48 -7.60 10.34
O2 EDO D . 8.63 -7.92 8.94
C1 EDO E . -12.68 -1.90 35.47
O1 EDO E . -11.47 -2.38 34.86
C2 EDO E . -13.45 -3.07 36.06
O2 EDO E . -13.86 -3.97 35.02
C1 EDO F . 3.55 -15.18 6.45
O1 EDO F . 4.51 -15.74 5.51
C2 EDO F . 3.20 -16.21 7.52
O2 EDO F . 1.98 -15.85 8.18
C1 EDO G . 9.57 -9.65 -20.81
O1 EDO G . 8.15 -9.43 -20.83
C2 EDO G . 9.96 -10.76 -19.84
O2 EDO G . 9.91 -10.30 -18.48
C1 EDO H . -10.98 5.48 -20.74
O1 EDO H . -11.11 6.91 -20.56
C2 EDO H . -10.91 5.25 -22.26
O2 EDO H . -9.90 4.33 -22.65
#